data_3EJ5
#
_entry.id   3EJ5
#
_cell.length_a   42.642
_cell.length_b   68.006
_cell.length_c   49.675
_cell.angle_alpha   90.000
_cell.angle_beta   112.970
_cell.angle_gamma   90.000
#
_symmetry.space_group_name_H-M   'P 1 21 1'
#
loop_
_entity.id
_entity.type
_entity.pdbx_description
1 polymer 'Ricin A chain'
2 non-polymer '4-[3-(2-amino-4-hydroxy-6-oxo-1,6-dihydropyrimidin-5-yl)propyl]benzoic acid'
3 water water
#
_entity_poly.entity_id   1
_entity_poly.type   'polypeptide(L)'
_entity_poly.pdbx_seq_one_letter_code
;QYPIINFTTAGATVQSYTNFIRAVRGRLTTGADVRHEIPVLPNRVGLPINQRFILVELSNHAELSVTLALDVTNAYVVGY
RAGNSAYFFHPDNQEDAEAITHLFTDVQNRYTFAFGGNYDRLEQLAGNLRENIELGNGPLEEAISALYYYSTGGTQLPTL
AISFIICIQMISEAARFQYIEGEMRTRIRYNRRSAPDPSVITLENSWGRLSTAIQESNQGAFASPIQLQRRNGSKFSVYD
VSILIPIIALMVYRCAP
;
_entity_poly.pdbx_strand_id   X
#
loop_
_chem_comp.id
_chem_comp.type
_chem_comp.name
_chem_comp.formula
EJ5 non-polymer '4-[3-(2-amino-4-hydroxy-6-oxo-1,6-dihydropyrimidin-5-yl)propyl]benzoic acid' 'C14 H15 N3 O4'
#
# COMPACT_ATOMS: atom_id res chain seq x y z
N GLN A 1 5.92 -14.48 15.78
CA GLN A 1 5.64 -13.07 15.36
C GLN A 1 5.43 -12.99 13.84
N TYR A 2 4.81 -11.90 13.40
CA TYR A 2 4.64 -11.66 11.97
C TYR A 2 5.95 -11.26 11.31
N PRO A 3 6.09 -11.52 10.00
CA PRO A 3 7.30 -11.13 9.31
C PRO A 3 7.48 -9.61 9.31
N ILE A 4 8.71 -9.15 9.55
CA ILE A 4 9.05 -7.73 9.55
C ILE A 4 10.01 -7.42 8.39
N ILE A 5 9.68 -6.37 7.62
CA ILE A 5 10.57 -5.79 6.62
C ILE A 5 10.90 -4.36 7.06
N ASN A 6 12.16 -3.98 6.88
CA ASN A 6 12.66 -2.66 7.29
C ASN A 6 13.03 -1.78 6.13
N PHE A 7 12.76 -0.49 6.27
CA PHE A 7 13.21 0.52 5.32
C PHE A 7 13.55 1.76 6.10
N THR A 8 14.58 2.48 5.66
CA THR A 8 14.84 3.77 6.24
C THR A 8 15.04 4.84 5.16
N THR A 9 14.50 6.03 5.43
CA THR A 9 14.69 7.22 4.58
C THR A 9 16.09 7.83 4.74
N ALA A 10 16.86 7.44 5.76
CA ALA A 10 18.23 7.94 5.94
C ALA A 10 19.20 7.38 4.90
N GLY A 11 19.57 8.19 3.90
CA GLY A 11 20.47 7.73 2.83
C GLY A 11 19.81 6.74 1.85
N ALA A 12 18.48 6.78 1.78
CA ALA A 12 17.73 5.91 0.87
C ALA A 12 18.22 6.12 -0.56
N THR A 13 18.15 5.05 -1.34
CA THR A 13 18.54 5.09 -2.74
C THR A 13 17.53 4.27 -3.56
N VAL A 14 17.63 4.40 -4.87
CA VAL A 14 16.89 3.59 -5.80
C VAL A 14 17.01 2.11 -5.41
N GLN A 15 18.23 1.65 -5.13
CA GLN A 15 18.46 0.24 -4.79
C GLN A 15 17.88 -0.18 -3.44
N SER A 16 18.10 0.64 -2.42
CA SER A 16 17.63 0.29 -1.08
C SER A 16 16.12 0.27 -1.08
N TYR A 17 15.49 1.19 -1.84
CA TYR A 17 14.03 1.21 -2.01
C TYR A 17 13.52 0.01 -2.80
N THR A 18 14.22 -0.33 -3.90
CA THR A 18 13.92 -1.50 -4.74
C THR A 18 14.00 -2.77 -3.93
N ASN A 19 15.06 -2.92 -3.14
CA ASN A 19 15.24 -4.11 -2.30
C ASN A 19 14.08 -4.22 -1.31
N PHE A 20 13.71 -3.08 -0.76
CA PHE A 20 12.62 -3.01 0.18
C PHE A 20 11.34 -3.52 -0.45
N ILE A 21 10.96 -2.93 -1.58
CA ILE A 21 9.71 -3.29 -2.23
C ILE A 21 9.72 -4.75 -2.67
N ARG A 22 10.90 -5.28 -3.01
CA ARG A 22 11.02 -6.70 -3.38
C ARG A 22 10.70 -7.57 -2.17
N ALA A 23 11.38 -7.28 -1.06
CA ALA A 23 11.15 -8.00 0.19
C ALA A 23 9.65 -7.98 0.58
N VAL A 24 9.01 -6.81 0.45
CA VAL A 24 7.60 -6.69 0.81
C VAL A 24 6.76 -7.61 -0.07
N ARG A 25 7.00 -7.60 -1.38
CA ARG A 25 6.31 -8.53 -2.29
C ARG A 25 6.53 -10.01 -1.93
N GLY A 26 7.77 -10.34 -1.59
CA GLY A 26 8.14 -11.70 -1.24
C GLY A 26 7.43 -12.22 0.00
N ARG A 27 7.15 -11.33 0.95
CA ARG A 27 6.37 -11.68 2.13
C ARG A 27 4.86 -11.62 1.90
N LEU A 28 4.39 -10.70 1.09
CA LEU A 28 2.95 -10.60 0.86
C LEU A 28 2.43 -11.93 0.32
N THR A 29 3.15 -12.51 -0.64
CA THR A 29 2.79 -13.82 -1.17
C THR A 29 3.98 -14.77 -1.36
N THR A 30 3.70 -16.06 -1.16
CA THR A 30 4.63 -17.12 -1.51
C THR A 30 4.79 -17.14 -3.02
N GLY A 31 3.68 -16.90 -3.72
CA GLY A 31 3.68 -16.76 -5.16
C GLY A 31 3.50 -18.08 -5.88
N ALA A 32 2.88 -19.06 -5.20
CA ALA A 32 2.58 -20.37 -5.80
C ALA A 32 1.33 -20.32 -6.67
N ASP A 33 0.51 -19.29 -6.48
CA ASP A 33 -0.67 -19.07 -7.30
C ASP A 33 -0.36 -17.95 -8.31
N VAL A 34 -0.19 -18.34 -9.58
CA VAL A 34 0.11 -17.39 -10.66
C VAL A 34 -0.83 -17.63 -11.85
N ARG A 35 -1.68 -16.66 -12.16
CA ARG A 35 -2.50 -16.71 -13.37
C ARG A 35 -1.89 -15.75 -14.41
N HIS A 36 -1.74 -16.24 -15.65
CA HIS A 36 -1.22 -15.43 -16.75
C HIS A 36 0.06 -14.67 -16.31
N GLU A 37 0.91 -15.35 -15.55
CA GLU A 37 2.20 -14.83 -15.05
C GLU A 37 2.14 -13.79 -13.90
N ILE A 38 0.94 -13.45 -13.42
CA ILE A 38 0.80 -12.47 -12.34
C ILE A 38 0.50 -13.19 -11.03
N PRO A 39 1.40 -13.04 -10.03
CA PRO A 39 1.12 -13.58 -8.70
C PRO A 39 -0.19 -13.08 -8.08
N VAL A 40 -0.87 -14.00 -7.40
CA VAL A 40 -2.12 -13.73 -6.72
C VAL A 40 -1.83 -13.77 -5.23
N LEU A 41 -2.35 -12.81 -4.49
CA LEU A 41 -2.20 -12.79 -3.04
C LEU A 41 -3.06 -13.92 -2.43
N PRO A 42 -2.75 -14.37 -1.22
CA PRO A 42 -3.55 -15.49 -0.68
C PRO A 42 -5.00 -15.14 -0.39
N ASN A 43 -5.86 -16.15 -0.54
CA ASN A 43 -7.30 -16.04 -0.30
C ASN A 43 -7.62 -15.71 1.17
N ARG A 44 -8.57 -14.80 1.35
CA ARG A 44 -9.07 -14.36 2.65
C ARG A 44 -9.73 -15.50 3.42
N VAL A 45 -10.44 -16.37 2.69
CA VAL A 45 -11.41 -17.31 3.28
C VAL A 45 -10.79 -18.39 4.17
N GLY A 46 -9.76 -19.07 3.68
CA GLY A 46 -9.11 -20.11 4.50
C GLY A 46 -7.92 -19.65 5.32
N LEU A 47 -7.63 -18.35 5.32
CA LEU A 47 -6.36 -17.85 5.83
C LEU A 47 -6.35 -17.74 7.36
N PRO A 48 -5.42 -18.47 8.01
CA PRO A 48 -5.32 -18.33 9.46
C PRO A 48 -4.60 -17.04 9.86
N ILE A 49 -4.80 -16.66 11.11
CA ILE A 49 -4.43 -15.35 11.61
C ILE A 49 -2.92 -15.16 11.76
N ASN A 50 -2.21 -16.22 12.10
CA ASN A 50 -0.75 -16.17 12.25
C ASN A 50 -0.04 -15.89 10.90
N GLN A 51 -0.80 -15.93 9.81
CA GLN A 51 -0.26 -15.72 8.46
C GLN A 51 -0.90 -14.54 7.71
N ARG A 52 -1.74 -13.78 8.39
CA ARG A 52 -2.51 -12.78 7.69
C ARG A 52 -1.89 -11.38 7.56
N PHE A 53 -0.85 -11.11 8.36
CA PHE A 53 -0.26 -9.78 8.32
C PHE A 53 1.25 -9.80 8.14
N ILE A 54 1.77 -8.69 7.62
CA ILE A 54 3.19 -8.39 7.68
C ILE A 54 3.39 -7.01 8.29
N LEU A 55 4.54 -6.82 8.91
CA LEU A 55 4.85 -5.57 9.57
C LEU A 55 5.93 -4.85 8.77
N VAL A 56 5.72 -3.56 8.48
CA VAL A 56 6.71 -2.77 7.74
C VAL A 56 7.25 -1.66 8.62
N GLU A 57 8.54 -1.73 8.91
CA GLU A 57 9.16 -0.91 9.94
C GLU A 57 9.88 0.22 9.25
N LEU A 58 9.38 1.44 9.43
CA LEU A 58 9.91 2.59 8.74
C LEU A 58 10.68 3.48 9.71
N SER A 59 11.93 3.78 9.39
CA SER A 59 12.68 4.70 10.25
C SER A 59 13.22 5.87 9.45
N ASN A 60 13.66 6.89 10.17
CA ASN A 60 14.22 8.12 9.61
C ASN A 60 15.69 8.30 9.96
N HIS A 61 16.28 9.36 9.38
CA HIS A 61 17.60 9.86 9.82
C HIS A 61 17.44 10.57 11.18
N ALA A 62 16.25 11.11 11.43
CA ALA A 62 15.85 11.64 12.74
C ALA A 62 15.83 10.54 13.83
N GLU A 63 15.98 9.28 13.41
CA GLU A 63 16.07 8.11 14.29
C GLU A 63 14.81 7.85 15.13
N LEU A 64 13.67 8.04 14.49
CA LEU A 64 12.39 7.68 15.04
C LEU A 64 11.78 6.66 14.08
N SER A 65 11.02 5.72 14.62
CA SER A 65 10.53 4.60 13.82
C SER A 65 9.07 4.29 14.07
N VAL A 66 8.46 3.65 13.10
CA VAL A 66 7.02 3.46 13.08
C VAL A 66 6.78 2.17 12.34
N THR A 67 5.79 1.38 12.76
CA THR A 67 5.54 0.08 12.12
C THR A 67 4.13 0.01 11.51
N LEU A 68 4.06 -0.12 10.19
CA LEU A 68 2.78 -0.30 9.52
C LEU A 68 2.44 -1.79 9.48
N ALA A 69 1.14 -2.10 9.51
CA ALA A 69 0.64 -3.47 9.41
C ALA A 69 -0.08 -3.59 8.09
N LEU A 70 0.35 -4.55 7.28
CA LEU A 70 -0.29 -4.79 5.97
C LEU A 70 -1.07 -6.10 5.97
N ASP A 71 -2.32 -5.99 5.50
CA ASP A 71 -3.15 -7.17 5.27
C ASP A 71 -2.60 -7.89 4.05
N VAL A 72 -2.27 -9.15 4.23
CA VAL A 72 -1.57 -9.95 3.23
C VAL A 72 -2.45 -10.25 2.01
N THR A 73 -3.76 -10.30 2.22
CA THR A 73 -4.69 -10.65 1.15
C THR A 73 -4.87 -9.50 0.17
N ASN A 74 -4.47 -8.28 0.56
CA ASN A 74 -4.65 -7.11 -0.31
C ASN A 74 -3.57 -6.03 -0.22
N ALA A 75 -2.45 -6.32 0.46
CA ALA A 75 -1.43 -5.29 0.76
C ALA A 75 -1.98 -4.01 1.46
N TYR A 76 -3.19 -4.07 1.98
CA TYR A 76 -3.89 -2.90 2.56
C TYR A 76 -3.28 -2.55 3.91
N VAL A 77 -3.04 -1.27 4.15
CA VAL A 77 -2.51 -0.82 5.44
C VAL A 77 -3.66 -0.68 6.41
N VAL A 78 -3.71 -1.56 7.42
CA VAL A 78 -4.86 -1.60 8.33
C VAL A 78 -4.64 -0.84 9.64
N GLY A 79 -3.39 -0.51 9.95
CA GLY A 79 -3.08 0.23 11.16
C GLY A 79 -1.59 0.36 11.37
N TYR A 80 -1.20 0.89 12.54
CA TYR A 80 0.22 1.12 12.77
C TYR A 80 0.59 1.25 14.24
N ARG A 81 1.89 1.08 14.51
CA ARG A 81 2.44 1.20 15.84
C ARG A 81 3.53 2.28 15.88
N ALA A 82 3.48 3.10 16.92
CA ALA A 82 4.55 4.05 17.21
C ALA A 82 4.76 4.04 18.71
N GLY A 83 5.88 3.45 19.15
CA GLY A 83 6.23 3.38 20.57
C GLY A 83 5.30 2.52 21.38
N ASN A 84 4.56 3.15 22.28
CA ASN A 84 3.70 2.47 23.23
C ASN A 84 2.23 2.61 22.85
N SER A 85 1.98 3.18 21.66
CA SER A 85 0.63 3.39 21.14
C SER A 85 0.49 2.74 19.76
N ALA A 86 -0.69 2.14 19.54
CA ALA A 86 -1.02 1.46 18.29
C ALA A 86 -2.37 2.00 17.83
N TYR A 87 -2.51 2.25 16.53
CA TYR A 87 -3.78 2.79 15.97
C TYR A 87 -4.27 1.98 14.78
N PHE A 88 -5.57 1.70 14.74
CA PHE A 88 -6.18 0.94 13.63
C PHE A 88 -7.28 1.73 12.94
N PHE A 89 -7.41 1.57 11.63
CA PHE A 89 -8.60 2.11 10.92
C PHE A 89 -9.81 1.30 11.33
N HIS A 90 -10.99 1.92 11.22
CA HIS A 90 -12.27 1.26 11.46
C HIS A 90 -12.35 0.09 10.49
N PRO A 91 -12.43 -1.14 11.01
CA PRO A 91 -12.55 -2.28 10.11
C PRO A 91 -13.88 -2.30 9.34
N ASP A 92 -13.90 -3.08 8.25
CA ASP A 92 -15.06 -3.24 7.37
C ASP A 92 -16.10 -4.21 7.88
N ASN A 93 -15.67 -5.12 8.74
CA ASN A 93 -16.54 -6.17 9.24
C ASN A 93 -15.93 -6.81 10.49
N GLN A 94 -16.74 -7.57 11.22
CA GLN A 94 -16.30 -8.25 12.45
C GLN A 94 -15.17 -9.26 12.24
N GLU A 95 -15.09 -9.84 11.05
CA GLU A 95 -14.02 -10.80 10.74
C GLU A 95 -12.69 -10.05 10.88
N ASP A 96 -12.65 -8.89 10.23
CA ASP A 96 -11.48 -8.02 10.23
C ASP A 96 -11.21 -7.44 11.61
N ALA A 97 -12.25 -6.92 12.26
CA ALA A 97 -12.13 -6.41 13.65
C ALA A 97 -11.49 -7.49 14.53
N GLU A 98 -11.88 -8.73 14.30
CA GLU A 98 -11.36 -9.84 15.06
C GLU A 98 -9.88 -10.07 14.73
N ALA A 99 -9.57 -10.13 13.43
CA ALA A 99 -8.19 -10.32 12.96
C ALA A 99 -7.21 -9.37 13.62
N ILE A 100 -7.53 -8.08 13.57
CA ILE A 100 -6.60 -7.06 14.02
C ILE A 100 -6.30 -7.09 15.53
N THR A 101 -7.05 -7.88 16.29
CA THR A 101 -6.79 -8.04 17.70
C THR A 101 -5.50 -8.83 17.98
N HIS A 102 -5.03 -9.62 17.01
CA HIS A 102 -3.73 -10.31 17.15
C HIS A 102 -2.54 -9.43 16.75
N LEU A 103 -2.79 -8.17 16.40
CA LEU A 103 -1.71 -7.25 16.00
C LEU A 103 -1.19 -6.39 17.18
N PHE A 104 0.14 -6.21 17.21
CA PHE A 104 0.79 -5.38 18.23
C PHE A 104 0.20 -5.64 19.61
N THR A 105 0.07 -6.90 19.97
CA THR A 105 -0.61 -7.29 21.20
C THR A 105 0.12 -6.83 22.49
N ASP A 106 1.40 -6.45 22.37
CA ASP A 106 2.19 -6.04 23.54
C ASP A 106 2.20 -4.53 23.84
N VAL A 107 1.61 -3.69 22.98
CA VAL A 107 1.63 -2.23 23.18
C VAL A 107 0.70 -1.85 24.31
N GLN A 108 1.08 -0.88 25.13
CA GLN A 108 0.25 -0.52 26.29
C GLN A 108 -1.05 0.22 25.91
N ASN A 109 -1.08 0.84 24.73
CA ASN A 109 -2.27 1.58 24.26
C ASN A 109 -2.77 1.15 22.85
N ARG A 110 -4.06 0.81 22.75
CA ARG A 110 -4.67 0.41 21.48
C ARG A 110 -5.89 1.25 21.17
N TYR A 111 -5.94 1.81 19.95
CA TYR A 111 -7.07 2.61 19.53
C TYR A 111 -7.53 2.23 18.15
N THR A 112 -8.84 2.28 17.94
CA THR A 112 -9.47 2.13 16.63
C THR A 112 -10.09 3.48 16.30
N PHE A 113 -9.78 4.02 15.14
CA PHE A 113 -10.35 5.28 14.72
C PHE A 113 -11.82 5.11 14.46
N ALA A 114 -12.55 6.21 14.47
CA ALA A 114 -13.95 6.20 14.02
C ALA A 114 -14.05 6.04 12.50
N PHE A 115 -12.97 6.41 11.79
CA PHE A 115 -12.92 6.41 10.31
C PHE A 115 -12.13 5.23 9.73
N GLY A 116 -12.57 4.75 8.58
CA GLY A 116 -11.89 3.71 7.84
C GLY A 116 -10.71 4.30 7.12
N GLY A 117 -9.91 3.45 6.47
CA GLY A 117 -8.68 3.89 5.82
C GLY A 117 -8.69 3.92 4.28
N ASN A 118 -9.87 3.83 3.67
CA ASN A 118 -10.03 4.09 2.23
C ASN A 118 -9.51 5.50 1.85
N TYR A 119 -9.04 5.65 0.62
CA TYR A 119 -8.53 6.92 0.15
C TYR A 119 -9.50 8.07 0.36
N ASP A 120 -10.78 7.87 0.00
CA ASP A 120 -11.74 8.97 0.01
C ASP A 120 -11.95 9.54 1.42
N ARG A 121 -12.08 8.68 2.41
CA ARG A 121 -12.20 9.16 3.79
C ARG A 121 -10.93 9.94 4.16
N LEU A 122 -9.78 9.34 3.94
CA LEU A 122 -8.49 9.97 4.25
C LEU A 122 -8.29 11.32 3.57
N GLU A 123 -8.79 11.46 2.34
CA GLU A 123 -8.67 12.71 1.57
C GLU A 123 -9.47 13.82 2.22
N GLN A 124 -10.70 13.49 2.60
CA GLN A 124 -11.57 14.41 3.29
C GLN A 124 -10.94 14.87 4.61
N LEU A 125 -10.26 13.95 5.31
CA LEU A 125 -9.53 14.31 6.54
C LEU A 125 -8.28 15.12 6.28
N ALA A 126 -7.53 14.77 5.24
CA ALA A 126 -6.33 15.52 4.90
C ALA A 126 -6.68 16.89 4.35
N GLY A 127 -7.88 17.04 3.79
CA GLY A 127 -8.27 18.27 3.12
C GLY A 127 -7.61 18.42 1.76
N ASN A 128 -7.18 17.31 1.19
CA ASN A 128 -6.47 17.30 -0.10
C ASN A 128 -6.62 15.95 -0.83
N LEU A 129 -6.86 16.01 -2.13
CA LEU A 129 -6.87 14.81 -2.99
C LEU A 129 -5.46 14.30 -3.17
N ARG A 130 -5.35 13.02 -3.52
CA ARG A 130 -4.04 12.41 -3.83
C ARG A 130 -3.25 13.24 -4.82
N GLU A 131 -3.92 13.79 -5.82
CA GLU A 131 -3.25 14.49 -6.90
C GLU A 131 -2.58 15.79 -6.45
N ASN A 132 -2.85 16.22 -5.21
CA ASN A 132 -2.21 17.40 -4.64
C ASN A 132 -1.30 17.08 -3.45
N ILE A 133 -0.98 15.81 -3.25
CA ILE A 133 -0.11 15.42 -2.13
C ILE A 133 1.17 14.81 -2.66
N GLU A 134 2.29 15.48 -2.39
CA GLU A 134 3.58 15.09 -2.92
C GLU A 134 4.06 13.76 -2.38
N LEU A 135 4.70 12.98 -3.25
CA LEU A 135 5.34 11.72 -2.89
C LEU A 135 6.83 11.83 -3.17
N GLY A 136 7.60 10.96 -2.52
CA GLY A 136 9.07 11.02 -2.57
C GLY A 136 9.65 10.67 -1.21
N ASN A 137 10.97 10.80 -1.07
CA ASN A 137 11.63 10.45 0.20
C ASN A 137 11.37 11.51 1.25
N GLY A 138 11.37 12.78 0.83
CA GLY A 138 11.08 13.89 1.73
C GLY A 138 9.71 13.71 2.34
N PRO A 139 8.67 13.63 1.51
CA PRO A 139 7.31 13.34 2.01
C PRO A 139 7.20 12.10 2.91
N LEU A 140 7.89 11.01 2.54
CA LEU A 140 7.86 9.77 3.33
C LEU A 140 8.53 9.95 4.71
N GLU A 141 9.65 10.65 4.72
CA GLU A 141 10.38 11.02 5.94
C GLU A 141 9.49 11.90 6.84
N GLU A 142 8.77 12.82 6.22
CA GLU A 142 7.76 13.63 6.92
C GLU A 142 6.58 12.81 7.43
N ALA A 143 6.14 11.85 6.64
CA ALA A 143 5.01 10.99 6.99
C ALA A 143 5.34 10.18 8.22
N ILE A 144 6.51 9.57 8.21
CA ILE A 144 6.95 8.75 9.33
C ILE A 144 7.02 9.59 10.60
N SER A 145 7.55 10.79 10.49
CA SER A 145 7.67 11.69 11.64
C SER A 145 6.28 12.05 12.21
N ALA A 146 5.33 12.36 11.32
CA ALA A 146 3.96 12.72 11.71
C ALA A 146 3.26 11.59 12.44
N LEU A 147 3.37 10.38 11.90
CA LEU A 147 2.81 9.18 12.54
C LEU A 147 3.40 8.92 13.92
N TYR A 148 4.72 9.08 14.03
CA TYR A 148 5.44 8.92 15.30
C TYR A 148 4.92 9.85 16.39
N TYR A 149 4.64 11.11 16.03
CA TYR A 149 4.26 12.12 17.01
C TYR A 149 2.77 12.19 17.27
N TYR A 150 1.97 11.37 16.58
CA TYR A 150 0.51 11.43 16.73
C TYR A 150 0.06 11.19 18.15
N SER A 151 0.65 10.20 18.81
CA SER A 151 0.20 9.77 20.14
C SER A 151 0.42 10.80 21.22
N THR A 152 1.36 11.72 21.01
CA THR A 152 1.69 12.74 22.02
C THR A 152 1.00 14.08 21.74
N GLY A 153 0.09 14.10 20.76
CA GLY A 153 -0.73 15.27 20.48
C GLY A 153 -0.08 16.31 19.58
N GLY A 154 1.07 15.97 19.00
CA GLY A 154 1.83 16.93 18.22
C GLY A 154 1.53 16.90 16.73
N THR A 155 0.68 15.95 16.29
CA THR A 155 0.29 15.87 14.89
C THR A 155 -1.22 16.07 14.73
N GLN A 156 -1.60 17.12 14.03
CA GLN A 156 -3.00 17.34 13.69
C GLN A 156 -3.53 16.19 12.83
N LEU A 157 -4.84 15.97 12.89
CA LEU A 157 -5.46 14.85 12.17
C LEU A 157 -5.34 14.94 10.64
N PRO A 158 -5.50 16.15 10.06
CA PRO A 158 -5.28 16.22 8.60
C PRO A 158 -3.90 15.73 8.18
N THR A 159 -2.85 16.23 8.82
CA THR A 159 -1.46 15.81 8.56
C THR A 159 -1.28 14.31 8.74
N LEU A 160 -1.98 13.73 9.71
CA LEU A 160 -1.98 12.29 9.88
C LEU A 160 -2.63 11.60 8.67
N ALA A 161 -3.79 12.10 8.22
CA ALA A 161 -4.37 11.54 7.00
C ALA A 161 -3.40 11.67 5.79
N ILE A 162 -2.88 12.89 5.52
CA ILE A 162 -1.84 13.11 4.48
C ILE A 162 -0.69 12.08 4.55
N SER A 163 -0.19 11.85 5.76
CA SER A 163 0.93 10.95 5.96
C SER A 163 0.55 9.51 5.62
N PHE A 164 -0.63 9.08 6.05
CA PHE A 164 -1.15 7.78 5.68
C PHE A 164 -1.23 7.63 4.15
N ILE A 165 -1.82 8.62 3.50
CA ILE A 165 -1.95 8.59 2.04
C ILE A 165 -0.56 8.38 1.38
N ILE A 166 0.48 9.05 1.89
CA ILE A 166 1.83 8.91 1.36
C ILE A 166 2.37 7.50 1.54
N CYS A 167 2.29 7.00 2.77
CA CYS A 167 2.82 5.68 3.08
C CYS A 167 2.15 4.60 2.24
N ILE A 168 0.83 4.71 2.07
CA ILE A 168 0.05 3.69 1.37
C ILE A 168 0.49 3.57 -0.07
N GLN A 169 0.83 4.69 -0.69
CA GLN A 169 1.17 4.72 -2.11
C GLN A 169 2.61 4.31 -2.31
N MET A 170 3.47 4.75 -1.40
CA MET A 170 4.88 4.43 -1.52
C MET A 170 5.23 3.01 -1.10
N ILE A 171 4.29 2.34 -0.43
CA ILE A 171 4.48 0.97 0.05
C ILE A 171 3.50 -0.01 -0.61
N SER A 172 2.21 0.10 -0.25
CA SER A 172 1.21 -0.85 -0.75
C SER A 172 0.97 -0.73 -2.27
N GLU A 173 0.81 0.49 -2.79
CA GLU A 173 0.63 0.64 -4.23
C GLU A 173 1.91 0.29 -5.01
N ALA A 174 3.08 0.59 -4.45
CA ALA A 174 4.35 0.29 -5.14
C ALA A 174 4.59 -1.21 -5.17
N ALA A 175 4.15 -1.90 -4.14
CA ALA A 175 4.20 -3.36 -4.13
C ALA A 175 3.18 -3.94 -5.10
N ARG A 176 2.05 -3.26 -5.28
CA ARG A 176 0.99 -3.75 -6.17
C ARG A 176 1.36 -3.64 -7.63
N PHE A 177 2.08 -2.57 -7.97
CA PHE A 177 2.40 -2.23 -9.36
C PHE A 177 3.90 -1.87 -9.52
N GLN A 178 4.62 -2.63 -10.33
CA GLN A 178 6.01 -2.26 -10.70
C GLN A 178 6.01 -0.86 -11.24
N TYR A 179 4.93 -0.47 -11.90
CA TYR A 179 4.83 0.87 -12.44
C TYR A 179 4.95 1.92 -11.36
N ILE A 180 4.24 1.71 -10.26
CA ILE A 180 4.25 2.71 -9.20
C ILE A 180 5.56 2.60 -8.42
N GLU A 181 6.09 1.39 -8.29
CA GLU A 181 7.44 1.24 -7.76
C GLU A 181 8.40 2.11 -8.56
N GLY A 182 8.29 2.08 -9.88
CA GLY A 182 9.22 2.83 -10.76
C GLY A 182 9.04 4.32 -10.62
N GLU A 183 7.80 4.75 -10.46
CA GLU A 183 7.53 6.15 -10.17
C GLU A 183 8.25 6.64 -8.91
N MET A 184 8.24 5.85 -7.84
CA MET A 184 8.90 6.28 -6.61
C MET A 184 10.42 6.27 -6.77
N ARG A 185 10.93 5.27 -7.48
CA ARG A 185 12.36 5.17 -7.76
C ARG A 185 12.89 6.40 -8.46
N THR A 186 12.12 6.92 -9.41
CA THR A 186 12.51 8.13 -10.14
C THR A 186 12.64 9.35 -9.22
N ARG A 187 11.74 9.47 -8.25
CA ARG A 187 11.76 10.60 -7.32
C ARG A 187 12.94 10.47 -6.37
N ILE A 188 13.18 9.24 -5.93
CA ILE A 188 14.33 8.95 -5.07
C ILE A 188 15.61 9.31 -5.84
N ARG A 189 15.73 8.72 -7.04
CA ARG A 189 16.88 8.96 -7.90
C ARG A 189 17.19 10.44 -8.04
N TYR A 190 16.22 11.23 -8.52
CA TYR A 190 16.48 12.66 -8.75
C TYR A 190 16.24 13.57 -7.52
N ASN A 191 15.98 12.98 -6.35
CA ASN A 191 15.68 13.75 -5.13
C ASN A 191 14.52 14.73 -5.38
N ARG A 192 13.45 14.25 -6.00
CA ARG A 192 12.31 15.10 -6.31
C ARG A 192 11.06 14.73 -5.49
N ARG A 193 10.20 15.73 -5.31
CA ARG A 193 8.91 15.62 -4.60
C ARG A 193 7.79 16.01 -5.57
N SER A 194 6.84 15.13 -5.81
CA SER A 194 5.77 15.44 -6.73
C SER A 194 4.54 14.60 -6.46
N ALA A 195 3.38 15.20 -6.67
CA ALA A 195 2.13 14.48 -6.59
C ALA A 195 2.13 13.43 -7.69
N PRO A 196 1.35 12.36 -7.52
CA PRO A 196 1.24 11.39 -8.58
C PRO A 196 0.35 11.93 -9.69
N ASP A 197 0.72 11.63 -10.94
CA ASP A 197 -0.04 12.03 -12.12
C ASP A 197 -1.20 11.04 -12.38
N PRO A 198 -2.11 11.36 -13.31
CA PRO A 198 -3.31 10.49 -13.53
C PRO A 198 -3.06 9.02 -13.93
N SER A 199 -1.91 8.70 -14.50
CA SER A 199 -1.60 7.30 -14.76
C SER A 199 -1.42 6.51 -13.46
N VAL A 200 -0.86 7.15 -12.44
CA VAL A 200 -0.66 6.50 -11.16
C VAL A 200 -1.99 6.37 -10.43
N ILE A 201 -2.73 7.47 -10.37
CA ILE A 201 -4.01 7.53 -9.67
C ILE A 201 -4.99 6.51 -10.21
N THR A 202 -5.15 6.46 -11.53
CA THR A 202 -6.12 5.55 -12.17
C THR A 202 -5.73 4.08 -12.05
N LEU A 203 -4.44 3.80 -11.95
CA LEU A 203 -3.99 2.43 -11.69
C LEU A 203 -4.38 2.04 -10.25
N GLU A 204 -4.16 2.95 -9.31
CA GLU A 204 -4.53 2.75 -7.92
C GLU A 204 -6.00 2.48 -7.80
N ASN A 205 -6.79 3.27 -8.51
CA ASN A 205 -8.26 3.16 -8.44
C ASN A 205 -8.81 1.88 -9.06
N SER A 206 -8.09 1.32 -10.01
CA SER A 206 -8.64 0.21 -10.79
C SER A 206 -7.95 -1.13 -10.54
N TRP A 207 -7.19 -1.25 -9.45
CA TRP A 207 -6.47 -2.48 -9.12
C TRP A 207 -7.42 -3.66 -8.92
N GLY A 208 -8.51 -3.43 -8.21
CA GLY A 208 -9.52 -4.45 -7.99
C GLY A 208 -10.11 -4.89 -9.31
N ARG A 209 -10.50 -3.92 -10.11
CA ARG A 209 -11.13 -4.19 -11.40
C ARG A 209 -10.18 -4.97 -12.32
N LEU A 210 -8.91 -4.60 -12.31
CA LEU A 210 -7.87 -5.27 -13.11
C LEU A 210 -7.60 -6.70 -12.62
N SER A 211 -7.69 -6.92 -11.31
CA SER A 211 -7.53 -8.28 -10.77
C SER A 211 -8.64 -9.19 -11.30
N THR A 212 -9.87 -8.71 -11.28
CA THR A 212 -11.00 -9.52 -11.73
C THR A 212 -10.84 -9.86 -13.20
N ALA A 213 -10.60 -8.85 -14.02
CA ALA A 213 -10.54 -9.03 -15.48
C ALA A 213 -9.40 -9.98 -15.92
N ILE A 214 -8.23 -9.85 -15.28
CA ILE A 214 -7.12 -10.78 -15.50
C ILE A 214 -7.50 -12.23 -15.12
N GLN A 215 -8.02 -12.42 -13.91
CA GLN A 215 -8.40 -13.76 -13.49
C GLN A 215 -9.57 -14.36 -14.26
N GLU A 216 -10.49 -13.51 -14.74
CA GLU A 216 -11.60 -13.93 -15.62
C GLU A 216 -11.29 -13.87 -17.13
N SER A 217 -10.05 -13.55 -17.51
CA SER A 217 -9.69 -13.44 -18.92
C SER A 217 -9.77 -14.79 -19.63
N ASN A 218 -9.91 -14.72 -20.95
CA ASN A 218 -9.86 -15.88 -21.78
C ASN A 218 -8.45 -15.95 -22.32
N GLN A 219 -7.60 -16.72 -21.64
CA GLN A 219 -6.20 -16.86 -22.05
C GLN A 219 -5.51 -15.49 -22.18
N GLY A 220 -5.90 -14.54 -21.32
CA GLY A 220 -5.30 -13.22 -21.33
C GLY A 220 -6.17 -12.12 -21.90
N ALA A 221 -7.11 -12.47 -22.78
CA ALA A 221 -8.03 -11.49 -23.37
C ALA A 221 -9.15 -11.10 -22.39
N PHE A 222 -9.25 -9.81 -22.04
CA PHE A 222 -10.32 -9.36 -21.14
C PHE A 222 -11.67 -9.50 -21.79
N ALA A 223 -12.66 -9.86 -21.00
CA ALA A 223 -14.00 -10.08 -21.50
C ALA A 223 -14.60 -8.76 -21.99
N SER A 224 -14.00 -7.65 -21.56
CA SER A 224 -14.35 -6.31 -22.03
C SER A 224 -13.20 -5.35 -21.66
N PRO A 225 -13.03 -4.26 -22.41
CA PRO A 225 -11.84 -3.42 -22.16
C PRO A 225 -11.89 -2.59 -20.88
N ILE A 226 -10.71 -2.34 -20.30
CA ILE A 226 -10.58 -1.50 -19.12
C ILE A 226 -9.92 -0.17 -19.52
N GLN A 227 -10.61 0.94 -19.29
CA GLN A 227 -10.04 2.26 -19.56
C GLN A 227 -9.08 2.60 -18.45
N LEU A 228 -7.85 2.98 -18.82
CA LEU A 228 -6.90 3.56 -17.88
C LEU A 228 -6.60 4.98 -18.35
N GLN A 229 -5.62 5.63 -17.73
CA GLN A 229 -5.30 7.01 -18.04
C GLN A 229 -3.81 7.19 -18.29
N ARG A 230 -3.45 7.99 -19.29
CA ARG A 230 -2.05 8.33 -19.54
C ARG A 230 -1.61 9.47 -18.63
N ARG A 231 -0.30 9.67 -18.53
CA ARG A 231 0.25 10.77 -17.72
C ARG A 231 -0.53 12.07 -17.92
N ASN A 232 -0.83 12.41 -19.17
CA ASN A 232 -1.46 13.68 -19.48
C ASN A 232 -2.97 13.73 -19.27
N GLY A 233 -3.57 12.67 -18.71
CA GLY A 233 -5.00 12.68 -18.36
C GLY A 233 -5.95 11.99 -19.36
N SER A 234 -5.46 11.72 -20.57
CA SER A 234 -6.26 11.10 -21.62
C SER A 234 -6.47 9.60 -21.40
N LYS A 235 -7.62 9.11 -21.87
CA LYS A 235 -8.12 7.76 -21.57
C LYS A 235 -7.73 6.83 -22.70
N PHE A 236 -7.26 5.63 -22.36
CA PHE A 236 -6.97 4.59 -23.36
C PHE A 236 -7.40 3.20 -22.85
N SER A 237 -7.67 2.28 -23.77
CA SER A 237 -8.22 0.96 -23.43
C SER A 237 -7.16 -0.13 -23.42
N VAL A 238 -7.13 -0.93 -22.37
CA VAL A 238 -6.32 -2.15 -22.35
C VAL A 238 -7.22 -3.36 -22.55
N TYR A 239 -6.82 -4.23 -23.47
CA TYR A 239 -7.64 -5.39 -23.86
C TYR A 239 -7.10 -6.73 -23.41
N ASP A 240 -5.85 -6.76 -22.94
CA ASP A 240 -5.19 -8.03 -22.70
C ASP A 240 -4.25 -7.97 -21.51
N VAL A 241 -3.98 -9.12 -20.91
CA VAL A 241 -3.08 -9.18 -19.74
C VAL A 241 -1.65 -8.82 -20.11
N SER A 242 -1.27 -9.11 -21.36
CA SER A 242 0.13 -8.98 -21.80
C SER A 242 0.65 -7.55 -21.63
N ILE A 243 -0.14 -6.55 -21.99
CA ILE A 243 0.31 -5.16 -21.87
C ILE A 243 0.67 -4.80 -20.41
N LEU A 244 -0.02 -5.45 -19.46
CA LEU A 244 0.11 -5.15 -18.03
C LEU A 244 1.24 -5.90 -17.33
N ILE A 245 1.89 -6.87 -17.98
CA ILE A 245 2.87 -7.72 -17.27
C ILE A 245 3.95 -6.87 -16.61
N PRO A 246 4.55 -5.92 -17.35
CA PRO A 246 5.52 -5.04 -16.68
C PRO A 246 4.94 -3.92 -15.80
N ILE A 247 3.64 -3.96 -15.52
CA ILE A 247 2.92 -2.86 -14.85
C ILE A 247 2.29 -3.25 -13.50
N ILE A 248 1.61 -4.40 -13.44
CA ILE A 248 0.99 -4.90 -12.19
C ILE A 248 1.74 -6.13 -11.68
N ALA A 249 2.10 -6.14 -10.40
CA ALA A 249 2.95 -7.19 -9.80
C ALA A 249 2.17 -8.22 -8.97
N LEU A 250 1.03 -7.79 -8.44
CA LEU A 250 0.20 -8.59 -7.55
C LEU A 250 -1.27 -8.34 -7.87
N MET A 251 -2.11 -9.32 -7.54
CA MET A 251 -3.57 -9.25 -7.71
C MET A 251 -4.26 -9.77 -6.46
N VAL A 252 -5.34 -9.10 -6.05
CA VAL A 252 -6.20 -9.65 -5.02
C VAL A 252 -6.81 -10.97 -5.54
N TYR A 253 -6.97 -11.94 -4.65
CA TYR A 253 -7.67 -13.17 -5.00
C TYR A 253 -9.10 -12.84 -5.37
N ARG A 254 -9.55 -13.32 -6.53
CA ARG A 254 -10.95 -13.14 -6.94
C ARG A 254 -11.72 -14.47 -7.00
N CYS A 255 -11.08 -15.53 -7.48
CA CYS A 255 -11.74 -16.85 -7.53
C CYS A 255 -10.71 -17.94 -7.76
N ALA A 256 -11.17 -19.18 -7.91
CA ALA A 256 -10.31 -20.34 -8.14
C ALA A 256 -9.87 -20.48 -9.61
N PRO A 257 -8.66 -21.05 -9.86
CA PRO A 257 -8.28 -21.43 -11.23
C PRO A 257 -8.70 -22.86 -11.56
CAF EJ5 B . -8.65 -1.60 -3.42
CAH EJ5 B . -9.60 -2.37 -2.73
CAR EJ5 B . -9.84 -2.18 -1.36
CAO EJ5 B . -10.88 -3.00 -0.55
OAD EJ5 B . -10.47 -3.65 0.45
OAB EJ5 B . -12.07 -2.96 -0.93
CAI EJ5 B . -9.11 -1.20 -0.69
CAG EJ5 B . -8.18 -0.43 -1.39
CAQ EJ5 B . -7.94 -0.62 -2.75
CAK EJ5 B . -6.88 0.25 -3.47
CAJ EJ5 B . -6.36 1.37 -2.54
CAL EJ5 B . -5.35 0.79 -1.51
CAT EJ5 B . -5.43 1.20 -0.01
CAS EJ5 B . -4.56 0.65 0.97
OAE EJ5 B . -3.61 -0.26 0.66
NAM EJ5 B . -4.57 0.97 2.27
CAP EJ5 B . -5.42 1.85 2.74
NAA EJ5 B . -5.39 2.14 4.05
NAN EJ5 B . -6.32 2.47 1.83
CAU EJ5 B . -6.34 2.15 0.47
OAC EJ5 B . -7.15 2.73 -0.27
#